data_5A7Y
#
_entry.id   5A7Y
#
_cell.length_a   95.140
_cell.length_b   101.090
_cell.length_c   66.810
_cell.angle_alpha   90.00
_cell.angle_beta   90.00
_cell.angle_gamma   90.00
#
_symmetry.space_group_name_H-M   'P 21 21 2'
#
loop_
_entity.id
_entity.type
_entity.pdbx_description
1 polymer 'TRNA (ADENINE(9)-N1)-METHYLTRANSFERASE'
2 non-polymer S-ADENOSYL-L-HOMOCYSTEINE
3 non-polymer DI(HYDROXYETHYL)ETHER
4 non-polymer 'ACETATE ION'
5 water water
#
_entity_poly.entity_id   1
_entity_poly.type   'polypeptide(L)'
_entity_poly.pdbx_seq_one_letter_code
;MGSSHHHHHHSSGLVPRGSHMTLAKVFSQKLRELGISSIYIGHERPSLQSLAIKMLLKNYGLVEERREGMLITQDHGIKL
ISGKGTETSRYTFRKGGKKVSIHLPEYPKMVIDLGLFEFLNEEEKEKTLLQVDLCLSVIRKFLWDGNLTVVGKADYVLGR
ANIVQSLSLSDEDNPVILDPYGDVVATDQILRDHNVFVIGGIVDKGRRLDRATERLALSRGYSFPRVKIQLRGSIIGVPD
EINKILEIILRVKELDQSLEEAIISLQSKSDKISRLLHDVQLYGMEVLEEEARWLRADDKVIEIVRSRLGKN
;
_entity_poly.pdbx_strand_id   A,B
#
# COMPACT_ATOMS: atom_id res chain seq x y z
N HIS A 20 -13.12 -16.30 -17.92
CA HIS A 20 -14.20 -15.97 -18.84
C HIS A 20 -13.69 -15.16 -20.02
N MET A 21 -14.26 -13.97 -20.20
CA MET A 21 -13.88 -13.11 -21.28
C MET A 21 -13.67 -11.73 -20.68
N THR A 22 -12.57 -11.08 -21.05
CA THR A 22 -12.41 -9.69 -20.67
C THR A 22 -13.20 -8.79 -21.63
N LEU A 23 -13.63 -7.65 -21.14
CA LEU A 23 -14.16 -6.62 -21.99
C LEU A 23 -13.27 -6.37 -23.20
N ALA A 24 -11.96 -6.42 -23.04
CA ALA A 24 -11.10 -6.11 -24.18
C ALA A 24 -11.30 -7.17 -25.29
N LYS A 25 -11.58 -8.39 -24.88
CA LYS A 25 -11.64 -9.49 -25.82
C LYS A 25 -12.95 -9.43 -26.61
N VAL A 26 -14.04 -9.19 -25.89
CA VAL A 26 -15.34 -9.04 -26.54
C VAL A 26 -15.32 -7.85 -27.49
N PHE A 27 -14.72 -6.75 -27.07
CA PHE A 27 -14.62 -5.57 -27.90
C PHE A 27 -13.91 -5.92 -29.21
N SER A 28 -12.82 -6.69 -29.12
CA SER A 28 -11.98 -6.98 -30.30
C SER A 28 -12.65 -7.92 -31.29
N GLN A 29 -13.52 -8.79 -30.79
CA GLN A 29 -14.20 -9.73 -31.65
C GLN A 29 -15.28 -9.02 -32.47
N LYS A 30 -16.06 -8.17 -31.84
CA LYS A 30 -16.96 -7.32 -32.58
C LYS A 30 -16.22 -6.47 -33.59
N LEU A 31 -15.07 -5.93 -33.22
CA LEU A 31 -14.38 -4.99 -34.10
C LEU A 31 -13.96 -5.68 -35.40
N ARG A 32 -13.47 -6.90 -35.29
CA ARG A 32 -13.00 -7.60 -36.48
C ARG A 32 -14.18 -7.94 -37.40
N GLU A 33 -15.28 -8.38 -36.79
CA GLU A 33 -16.47 -8.74 -37.56
C GLU A 33 -16.82 -7.67 -38.57
N LEU A 34 -16.98 -6.43 -38.10
CA LEU A 34 -17.32 -5.31 -38.98
C LEU A 34 -16.26 -5.13 -40.06
N GLY A 35 -15.02 -5.48 -39.74
CA GLY A 35 -13.93 -5.36 -40.68
C GLY A 35 -12.83 -4.45 -40.20
N ILE A 36 -12.83 -4.11 -38.91
CA ILE A 36 -11.97 -3.05 -38.38
C ILE A 36 -10.79 -3.60 -37.61
N SER A 37 -9.57 -3.37 -38.09
CA SER A 37 -8.39 -3.89 -37.37
C SER A 37 -7.37 -2.81 -36.99
N SER A 38 -7.74 -1.54 -37.14
CA SER A 38 -6.88 -0.42 -36.77
C SER A 38 -7.68 0.77 -36.21
N ILE A 39 -7.23 1.32 -35.09
CA ILE A 39 -7.84 2.51 -34.52
C ILE A 39 -6.82 3.59 -34.17
N TYR A 40 -7.07 4.80 -34.67
CA TYR A 40 -6.33 5.96 -34.26
C TYR A 40 -6.82 6.43 -32.90
N ILE A 41 -5.93 6.42 -31.91
CA ILE A 41 -6.33 6.66 -30.52
C ILE A 41 -5.85 7.99 -29.98
N GLY A 42 -5.01 8.68 -30.77
CA GLY A 42 -4.57 10.02 -30.42
C GLY A 42 -3.82 10.06 -29.09
N HIS A 43 -4.54 10.45 -28.05
CA HIS A 43 -3.95 10.82 -26.76
C HIS A 43 -4.56 9.97 -25.64
N GLU A 44 -5.16 8.84 -26.01
CA GLU A 44 -5.82 7.94 -25.05
C GLU A 44 -4.90 6.80 -24.60
N ARG A 45 -5.11 6.29 -23.39
CA ARG A 45 -4.38 5.10 -22.95
C ARG A 45 -4.59 3.98 -23.98
N PRO A 46 -3.49 3.43 -24.52
CA PRO A 46 -3.60 2.51 -25.63
C PRO A 46 -3.88 1.13 -25.11
N SER A 47 -5.08 0.91 -24.57
CA SER A 47 -5.52 -0.43 -24.17
C SER A 47 -6.99 -0.59 -24.50
N LEU A 48 -7.35 -1.74 -25.08
CA LEU A 48 -8.73 -1.98 -25.47
C LEU A 48 -9.68 -1.86 -24.28
N GLN A 49 -9.26 -2.39 -23.15
CA GLN A 49 -10.06 -2.28 -21.93
C GLN A 49 -10.44 -0.85 -21.63
N SER A 50 -9.45 0.05 -21.68
CA SER A 50 -9.63 1.47 -21.31
C SER A 50 -10.55 2.15 -22.31
N LEU A 51 -10.25 1.93 -23.58
CA LEU A 51 -11.04 2.47 -24.66
C LEU A 51 -12.52 2.05 -24.62
N ALA A 52 -12.76 0.81 -24.22
CA ALA A 52 -14.12 0.29 -24.23
C ALA A 52 -14.87 0.85 -23.04
N ILE A 53 -14.22 0.86 -21.89
CA ILE A 53 -14.77 1.47 -20.68
C ILE A 53 -15.17 2.90 -20.99
N LYS A 54 -14.33 3.63 -21.72
CA LYS A 54 -14.54 5.04 -21.96
C LYS A 54 -15.79 5.23 -22.82
N MET A 55 -15.86 4.40 -23.85
CA MET A 55 -16.98 4.35 -24.77
C MET A 55 -18.27 4.06 -24.06
N LEU A 56 -18.25 3.09 -23.14
CA LEU A 56 -19.44 2.75 -22.38
C LEU A 56 -19.84 3.82 -21.39
N LEU A 57 -18.88 4.59 -20.88
CA LEU A 57 -19.18 5.52 -19.80
C LEU A 57 -19.31 6.98 -20.23
N LYS A 58 -18.65 7.34 -21.32
CA LYS A 58 -18.71 8.71 -21.84
C LYS A 58 -19.26 8.75 -23.25
N ASN A 59 -19.41 9.96 -23.79
CA ASN A 59 -19.93 10.14 -25.14
C ASN A 59 -18.91 9.77 -26.21
N TYR A 60 -17.79 9.18 -25.77
CA TYR A 60 -16.74 8.77 -26.68
C TYR A 60 -17.17 7.59 -27.54
N GLY A 61 -16.58 7.48 -28.73
CA GLY A 61 -16.91 6.39 -29.64
C GLY A 61 -16.02 6.47 -30.85
N LEU A 62 -16.43 5.77 -31.91
CA LEU A 62 -15.66 5.75 -33.14
C LEU A 62 -16.24 6.73 -34.13
N VAL A 63 -15.34 7.40 -34.85
CA VAL A 63 -15.69 8.29 -35.96
C VAL A 63 -15.03 7.70 -37.19
N GLU A 64 -15.75 7.65 -38.29
CA GLU A 64 -15.23 7.09 -39.53
C GLU A 64 -14.37 8.15 -40.23
N GLU A 65 -13.05 8.03 -40.14
CA GLU A 65 -12.13 8.94 -40.82
C GLU A 65 -10.77 8.30 -41.10
N ARG A 66 -10.23 8.67 -42.25
CA ARG A 66 -9.08 8.03 -42.79
C ARG A 66 -7.87 8.80 -42.30
N ARG A 67 -7.01 8.11 -41.54
CA ARG A 67 -5.86 8.72 -40.89
C ARG A 67 -4.60 7.86 -40.96
N GLU A 68 -3.46 8.50 -40.69
CA GLU A 68 -2.17 7.82 -40.73
C GLU A 68 -1.44 7.96 -39.40
N GLY A 69 -0.65 6.95 -39.04
CA GLY A 69 0.02 6.89 -37.74
C GLY A 69 1.11 5.82 -37.65
N MET A 70 1.83 5.80 -36.54
CA MET A 70 2.64 4.63 -36.14
C MET A 70 1.92 3.75 -35.10
N LEU A 71 2.22 2.45 -35.12
CA LEU A 71 1.76 1.56 -34.06
C LEU A 71 2.21 2.06 -32.70
N ILE A 72 1.29 2.11 -31.75
CA ILE A 72 1.64 2.01 -30.33
C ILE A 72 1.63 0.54 -29.88
N THR A 73 0.51 -0.15 -30.06
CA THR A 73 0.44 -1.59 -29.74
C THR A 73 -0.44 -2.39 -30.67
N GLN A 74 -0.48 -3.70 -30.43
CA GLN A 74 -1.32 -4.65 -31.16
C GLN A 74 -2.14 -5.45 -30.15
N ASP A 75 -3.13 -4.82 -29.57
CA ASP A 75 -3.93 -5.41 -28.50
C ASP A 75 -4.94 -6.36 -29.14
N HIS A 76 -4.98 -7.60 -28.68
CA HIS A 76 -5.92 -8.58 -29.20
C HIS A 76 -6.09 -8.46 -30.68
N GLY A 77 -5.02 -8.11 -31.35
CA GLY A 77 -5.01 -8.16 -32.79
C GLY A 77 -5.56 -6.90 -33.40
N ILE A 78 -5.48 -5.79 -32.69
CA ILE A 78 -5.94 -4.54 -33.25
C ILE A 78 -4.88 -3.49 -33.14
N LYS A 79 -4.41 -3.04 -34.28
CA LYS A 79 -3.38 -2.04 -34.37
C LYS A 79 -3.83 -0.70 -33.83
N LEU A 80 -3.31 -0.32 -32.68
CA LEU A 80 -3.62 0.97 -32.07
C LEU A 80 -2.63 2.02 -32.51
N ILE A 81 -3.14 3.07 -33.14
CA ILE A 81 -2.35 3.98 -33.97
C ILE A 81 -2.34 5.31 -33.26
N SER A 82 -1.24 6.05 -33.39
CA SER A 82 -1.29 7.51 -33.27
C SER A 82 -0.10 8.24 -33.90
N GLY A 83 -0.02 9.54 -33.64
CA GLY A 83 1.18 10.31 -34.00
C GLY A 83 1.11 10.62 -35.47
N LYS A 84 2.27 10.74 -36.12
CA LYS A 84 2.36 10.65 -37.59
C LYS A 84 3.28 9.50 -38.01
N GLY A 85 2.75 8.58 -38.82
CA GLY A 85 3.59 7.63 -39.58
C GLY A 85 2.92 7.10 -40.84
N THR A 86 2.91 5.78 -41.00
CA THR A 86 2.50 5.13 -42.27
C THR A 86 1.54 3.93 -42.07
N GLU A 87 0.92 3.85 -40.91
CA GLU A 87 -0.10 2.83 -40.65
C GLU A 87 -1.51 3.38 -40.88
N THR A 88 -2.37 2.59 -41.52
CA THR A 88 -3.59 3.12 -42.14
C THR A 88 -4.78 2.83 -41.22
N SER A 89 -5.38 3.89 -40.69
CA SER A 89 -6.64 3.81 -39.95
C SER A 89 -7.81 4.27 -40.82
N ARG A 90 -8.94 3.54 -40.75
CA ARG A 90 -10.20 4.02 -41.30
C ARG A 90 -11.14 4.57 -40.22
N TYR A 91 -10.84 4.24 -38.95
CA TYR A 91 -11.63 4.68 -37.80
C TYR A 91 -10.77 5.31 -36.71
N THR A 92 -11.24 6.45 -36.19
CA THR A 92 -10.57 7.17 -35.11
C THR A 92 -11.48 7.21 -33.88
N PHE A 93 -10.88 7.04 -32.70
CA PHE A 93 -11.60 7.07 -31.43
C PHE A 93 -11.65 8.51 -30.84
N ARG A 94 -12.83 9.11 -30.77
CA ARG A 94 -12.98 10.54 -30.57
C ARG A 94 -14.11 10.89 -29.66
N LYS A 95 -13.99 11.98 -28.93
CA LYS A 95 -15.09 12.43 -28.09
C LYS A 95 -16.28 12.65 -29.01
N GLY A 96 -17.35 11.91 -28.78
CA GLY A 96 -18.55 12.08 -29.57
C GLY A 96 -18.82 11.15 -30.74
N GLY A 97 -17.90 10.26 -31.04
CA GLY A 97 -18.10 9.33 -32.11
C GLY A 97 -19.20 8.35 -31.80
N LYS A 98 -19.48 7.46 -32.74
CA LYS A 98 -20.55 6.48 -32.61
C LYS A 98 -20.12 5.28 -31.79
N LYS A 99 -21.04 4.74 -31.00
CA LYS A 99 -20.76 3.59 -30.16
C LYS A 99 -20.69 2.37 -31.04
N VAL A 100 -19.81 1.45 -30.68
CA VAL A 100 -19.89 0.06 -31.10
C VAL A 100 -20.82 -0.69 -30.15
N SER A 101 -21.52 -1.68 -30.68
CA SER A 101 -22.56 -2.38 -29.95
C SER A 101 -22.08 -3.81 -29.66
N ILE A 102 -21.83 -4.08 -28.39
CA ILE A 102 -21.13 -5.29 -27.98
C ILE A 102 -21.88 -6.05 -26.91
N HIS A 103 -22.13 -7.34 -27.11
CA HIS A 103 -22.86 -8.05 -26.08
C HIS A 103 -21.95 -8.17 -24.87
N LEU A 104 -22.20 -7.31 -23.90
CA LEU A 104 -21.40 -7.29 -22.69
C LEU A 104 -21.61 -8.59 -21.92
N PRO A 105 -20.53 -9.14 -21.32
CA PRO A 105 -20.63 -10.42 -20.65
C PRO A 105 -21.52 -10.30 -19.43
N GLU A 106 -22.56 -11.10 -19.40
CA GLU A 106 -23.39 -11.25 -18.21
C GLU A 106 -22.54 -11.67 -17.00
N TYR A 107 -21.43 -12.35 -17.20
CA TYR A 107 -20.74 -13.07 -16.13
C TYR A 107 -19.21 -12.87 -16.21
N PRO A 108 -18.52 -12.89 -15.06
CA PRO A 108 -19.10 -13.18 -13.76
C PRO A 108 -19.74 -11.95 -13.16
N LYS A 109 -20.63 -12.18 -12.19
CA LYS A 109 -21.27 -11.14 -11.41
C LYS A 109 -20.66 -11.15 -10.03
N MET A 110 -20.09 -10.02 -9.65
CA MET A 110 -19.49 -9.90 -8.36
C MET A 110 -20.40 -9.06 -7.47
N VAL A 111 -20.85 -9.68 -6.39
CA VAL A 111 -21.87 -9.10 -5.54
C VAL A 111 -21.27 -8.79 -4.19
N ILE A 112 -21.44 -7.57 -3.72
CA ILE A 112 -21.03 -7.23 -2.35
C ILE A 112 -22.19 -6.94 -1.45
N ASP A 113 -22.24 -7.63 -0.33
CA ASP A 113 -23.42 -7.56 0.52
C ASP A 113 -23.19 -6.62 1.70
N LEU A 114 -23.99 -5.56 1.76
CA LEU A 114 -23.86 -4.58 2.84
C LEU A 114 -25.04 -4.68 3.80
N GLY A 115 -25.58 -5.89 3.95
CA GLY A 115 -26.70 -6.12 4.84
C GLY A 115 -26.44 -5.64 6.26
N LEU A 116 -25.39 -6.14 6.86
CA LEU A 116 -25.09 -5.83 8.25
C LEU A 116 -24.46 -4.48 8.48
N PHE A 117 -24.51 -3.63 7.46
CA PHE A 117 -23.71 -2.39 7.38
C PHE A 117 -23.94 -1.44 8.56
N GLU A 118 -25.15 -1.40 9.10
CA GLU A 118 -25.46 -0.47 10.19
C GLU A 118 -25.50 -1.21 11.54
N PHE A 119 -24.87 -2.38 11.61
CA PHE A 119 -24.26 -2.87 12.85
C PHE A 119 -22.98 -2.13 13.24
N LEU A 120 -22.27 -1.58 12.25
CA LEU A 120 -20.89 -1.17 12.43
C LEU A 120 -20.65 0.21 12.99
N ASN A 121 -19.39 0.48 13.30
CA ASN A 121 -18.98 1.80 13.83
C ASN A 121 -18.90 2.77 12.71
N GLU A 122 -18.93 4.04 13.05
CA GLU A 122 -18.78 5.09 12.05
C GLU A 122 -17.46 4.95 11.30
N GLU A 123 -16.40 4.65 12.04
CA GLU A 123 -15.07 4.55 11.46
C GLU A 123 -15.03 3.27 10.64
N GLU A 124 -15.78 2.27 11.09
CA GLU A 124 -15.84 0.99 10.42
C GLU A 124 -16.57 1.06 9.08
N LYS A 125 -17.65 1.85 9.04
CA LYS A 125 -18.39 2.11 7.81
C LYS A 125 -17.57 2.81 6.75
N GLU A 126 -16.83 3.81 7.15
CA GLU A 126 -15.92 4.50 6.26
C GLU A 126 -14.79 3.58 5.74
N LYS A 127 -14.32 2.64 6.54
CA LYS A 127 -13.35 1.67 6.00
C LYS A 127 -13.96 0.70 5.02
N THR A 128 -15.10 0.13 5.40
CA THR A 128 -15.81 -0.80 4.50
C THR A 128 -16.12 -0.18 3.15
N LEU A 129 -16.72 1.00 3.14
CA LEU A 129 -17.06 1.68 1.89
C LEU A 129 -15.83 2.10 1.07
N LEU A 130 -14.78 2.62 1.69
CA LEU A 130 -13.50 2.81 0.96
C LEU A 130 -13.06 1.54 0.21
N GLN A 131 -13.28 0.39 0.83
CA GLN A 131 -12.90 -0.88 0.21
C GLN A 131 -13.84 -1.21 -0.95
N VAL A 132 -15.12 -0.98 -0.75
CA VAL A 132 -16.04 -1.12 -1.87
C VAL A 132 -15.69 -0.12 -2.97
N ASP A 133 -15.41 1.12 -2.64
CA ASP A 133 -15.00 2.05 -3.70
C ASP A 133 -13.93 1.48 -4.62
N LEU A 134 -12.87 0.89 -4.05
CA LEU A 134 -11.75 0.39 -4.84
C LEU A 134 -12.11 -0.81 -5.73
N CYS A 135 -13.20 -1.51 -5.41
CA CYS A 135 -13.73 -2.52 -6.29
C CYS A 135 -14.00 -1.97 -7.69
N LEU A 136 -14.51 -0.77 -7.79
CA LEU A 136 -14.76 -0.21 -9.11
C LEU A 136 -13.53 -0.28 -9.99
N SER A 137 -12.38 0.04 -9.44
CA SER A 137 -11.18 0.11 -10.25
C SER A 137 -10.73 -1.28 -10.69
N VAL A 138 -10.94 -2.26 -9.82
CA VAL A 138 -10.66 -3.64 -10.14
C VAL A 138 -11.63 -4.21 -11.25
N ILE A 139 -12.92 -4.05 -11.05
CA ILE A 139 -13.88 -4.46 -12.01
C ILE A 139 -13.63 -3.84 -13.39
N ARG A 140 -13.23 -2.59 -13.47
CA ARG A 140 -12.96 -1.93 -14.74
C ARG A 140 -11.64 -2.33 -15.40
N LYS A 141 -10.81 -3.07 -14.64
CA LYS A 141 -9.58 -3.59 -15.19
C LYS A 141 -9.80 -4.80 -16.07
N PHE A 142 -10.91 -5.51 -15.86
CA PHE A 142 -11.24 -6.68 -16.66
C PHE A 142 -12.61 -6.52 -17.30
N LEU A 143 -13.65 -6.51 -16.47
CA LEU A 143 -15.01 -6.36 -16.95
C LEU A 143 -15.41 -4.89 -17.00
N TRP A 144 -16.61 -4.59 -16.56
CA TRP A 144 -17.11 -3.25 -16.57
C TRP A 144 -18.05 -3.12 -15.38
N ASP A 145 -18.53 -1.91 -15.12
CA ASP A 145 -19.20 -1.58 -13.85
C ASP A 145 -20.41 -2.47 -13.70
N GLY A 146 -21.14 -2.68 -14.78
CA GLY A 146 -22.32 -3.55 -14.74
C GLY A 146 -22.14 -4.93 -14.08
N ASN A 147 -20.90 -5.45 -14.03
CA ASN A 147 -20.72 -6.79 -13.47
C ASN A 147 -20.69 -6.74 -11.98
N LEU A 148 -20.69 -5.53 -11.42
CA LEU A 148 -20.62 -5.36 -9.97
C LEU A 148 -22.01 -4.98 -9.44
N THR A 149 -22.40 -5.61 -8.34
CA THR A 149 -23.62 -5.31 -7.65
C THR A 149 -23.33 -5.06 -6.16
N VAL A 150 -23.95 -4.04 -5.58
CA VAL A 150 -23.89 -3.82 -4.16
C VAL A 150 -25.28 -3.97 -3.54
N VAL A 151 -25.41 -4.78 -2.50
CA VAL A 151 -26.71 -5.10 -1.93
C VAL A 151 -26.91 -4.55 -0.55
N GLY A 152 -27.95 -3.75 -0.38
CA GLY A 152 -28.55 -3.52 0.91
C GLY A 152 -28.20 -2.15 1.42
N LYS A 153 -27.84 -1.22 0.51
CA LYS A 153 -27.68 0.20 0.86
C LYS A 153 -27.99 1.12 -0.31
N ALA A 154 -29.11 1.86 -0.22
CA ALA A 154 -29.75 2.44 -1.41
C ALA A 154 -29.24 3.83 -1.77
N ASP A 155 -28.61 4.51 -0.84
CA ASP A 155 -28.02 5.80 -1.16
C ASP A 155 -26.62 5.66 -1.76
N TYR A 156 -26.13 4.43 -1.91
CA TYR A 156 -24.79 4.26 -2.43
C TYR A 156 -24.79 4.37 -3.95
N VAL A 157 -23.72 4.93 -4.49
CA VAL A 157 -23.61 5.18 -5.91
C VAL A 157 -22.18 4.99 -6.32
N LEU A 158 -21.94 4.09 -7.24
CA LEU A 158 -20.63 3.76 -7.66
C LEU A 158 -20.59 3.56 -9.13
N GLY A 159 -20.33 4.64 -9.87
CA GLY A 159 -20.49 4.61 -11.32
C GLY A 159 -21.67 3.75 -11.65
N ARG A 160 -21.49 2.85 -12.60
CA ARG A 160 -22.64 2.06 -13.12
C ARG A 160 -22.84 0.71 -12.45
N ALA A 161 -22.29 0.55 -11.27
CA ALA A 161 -22.63 -0.60 -10.47
C ALA A 161 -24.13 -0.72 -10.25
N ASN A 162 -24.65 -1.95 -10.27
CA ASN A 162 -25.97 -2.16 -9.76
C ASN A 162 -26.12 -2.02 -8.27
N ILE A 163 -27.09 -1.23 -7.90
CA ILE A 163 -27.39 -0.94 -6.52
C ILE A 163 -28.81 -1.41 -6.26
N VAL A 164 -28.96 -2.51 -5.55
CA VAL A 164 -30.24 -3.16 -5.36
C VAL A 164 -30.41 -3.41 -3.88
N GLN A 165 -31.63 -3.64 -3.47
CA GLN A 165 -31.99 -3.82 -2.09
C GLN A 165 -31.96 -5.27 -1.70
N SER A 166 -32.10 -6.11 -2.68
CA SER A 166 -31.94 -7.55 -2.49
C SER A 166 -31.60 -8.21 -3.81
N LEU A 167 -30.99 -9.38 -3.76
CA LEU A 167 -30.37 -9.96 -4.95
C LEU A 167 -31.34 -10.94 -5.61
N SER A 168 -31.58 -10.81 -6.90
CA SER A 168 -32.57 -11.67 -7.55
C SER A 168 -31.89 -12.67 -8.49
N LEU A 169 -32.13 -13.95 -8.24
CA LEU A 169 -31.37 -15.02 -8.84
C LEU A 169 -32.03 -15.55 -10.12
N SER A 170 -31.23 -15.79 -11.15
CA SER A 170 -31.72 -16.35 -12.40
C SER A 170 -31.17 -17.74 -12.65
N ASP A 171 -31.80 -18.46 -13.57
CA ASP A 171 -31.53 -19.88 -13.73
C ASP A 171 -30.09 -20.17 -14.18
N GLU A 172 -29.55 -19.28 -14.97
CA GLU A 172 -28.18 -19.33 -15.38
C GLU A 172 -27.14 -18.89 -14.30
N ASP A 173 -27.60 -18.40 -13.15
CA ASP A 173 -26.74 -18.07 -12.02
C ASP A 173 -26.31 -19.34 -11.31
N ASN A 174 -25.01 -19.48 -11.07
CA ASN A 174 -24.47 -20.55 -10.25
C ASN A 174 -23.48 -19.96 -9.23
N PRO A 175 -23.99 -19.69 -8.04
CA PRO A 175 -23.30 -18.81 -7.09
C PRO A 175 -22.53 -19.52 -5.98
N VAL A 176 -21.67 -18.75 -5.34
CA VAL A 176 -20.89 -19.22 -4.21
C VAL A 176 -20.72 -18.08 -3.23
N ILE A 177 -20.70 -18.34 -1.93
CA ILE A 177 -20.46 -17.27 -0.97
C ILE A 177 -19.04 -17.33 -0.49
N LEU A 178 -18.30 -16.24 -0.63
CA LEU A 178 -16.97 -16.20 -0.07
C LEU A 178 -17.02 -15.93 1.40
N ASP A 179 -16.45 -16.87 2.15
CA ASP A 179 -16.53 -16.86 3.60
C ASP A 179 -15.25 -17.51 4.17
N PRO A 180 -14.47 -16.75 4.97
CA PRO A 180 -13.20 -17.24 5.45
C PRO A 180 -13.38 -18.27 6.53
N TYR A 181 -14.61 -18.46 7.01
CA TYR A 181 -14.90 -19.59 7.90
C TYR A 181 -15.68 -20.72 7.18
N GLY A 182 -15.64 -20.70 5.85
CA GLY A 182 -16.31 -21.72 5.05
C GLY A 182 -15.74 -23.11 5.22
N ASP A 183 -16.53 -24.07 4.78
CA ASP A 183 -16.19 -25.49 4.79
C ASP A 183 -15.76 -26.02 3.41
N VAL A 184 -15.94 -25.26 2.33
CA VAL A 184 -15.48 -25.65 0.99
C VAL A 184 -14.20 -24.84 0.69
N VAL A 185 -13.06 -25.50 0.61
CA VAL A 185 -11.81 -24.87 0.24
C VAL A 185 -11.75 -24.44 -1.22
N ALA A 186 -11.37 -23.20 -1.48
CA ALA A 186 -11.37 -22.67 -2.85
C ALA A 186 -10.32 -23.38 -3.70
N THR A 187 -10.50 -23.31 -5.01
CA THR A 187 -9.69 -24.10 -5.92
C THR A 187 -9.78 -23.43 -7.26
N ASP A 188 -8.77 -23.51 -8.11
CA ASP A 188 -8.88 -22.93 -9.45
C ASP A 188 -10.20 -23.34 -10.14
N GLN A 189 -10.52 -24.61 -10.07
CA GLN A 189 -11.64 -25.12 -10.82
C GLN A 189 -12.97 -24.61 -10.23
N ILE A 190 -13.04 -24.46 -8.91
CA ILE A 190 -14.32 -24.12 -8.25
C ILE A 190 -14.66 -22.67 -8.51
N LEU A 191 -13.64 -21.84 -8.57
CA LEU A 191 -13.83 -20.46 -8.96
C LEU A 191 -14.14 -20.37 -10.46
N ARG A 192 -13.52 -21.26 -11.24
CA ARG A 192 -13.69 -21.21 -12.69
C ARG A 192 -15.05 -21.73 -13.07
N ASP A 193 -15.62 -22.63 -12.28
CA ASP A 193 -16.89 -23.24 -12.64
C ASP A 193 -18.08 -22.54 -12.03
N HIS A 194 -17.85 -21.47 -11.29
CA HIS A 194 -18.97 -20.63 -10.81
C HIS A 194 -18.92 -19.25 -11.41
N ASN A 195 -20.06 -18.57 -11.40
CA ASN A 195 -20.19 -17.30 -12.10
C ASN A 195 -20.86 -16.16 -11.29
N VAL A 196 -21.30 -16.45 -10.07
CA VAL A 196 -21.72 -15.40 -9.15
C VAL A 196 -21.06 -15.60 -7.80
N PHE A 197 -20.50 -14.53 -7.26
CA PHE A 197 -19.65 -14.59 -6.04
C PHE A 197 -20.02 -13.50 -5.04
N VAL A 198 -20.46 -13.91 -3.86
CA VAL A 198 -20.99 -12.97 -2.89
C VAL A 198 -19.92 -12.81 -1.82
N ILE A 199 -19.56 -11.56 -1.58
CA ILE A 199 -18.58 -11.17 -0.62
C ILE A 199 -19.19 -10.21 0.38
N GLY A 200 -19.05 -10.48 1.68
CA GLY A 200 -19.85 -9.79 2.70
C GLY A 200 -19.10 -8.52 3.00
N GLY A 201 -19.76 -7.57 3.65
CA GLY A 201 -19.08 -6.45 4.33
C GLY A 201 -18.42 -6.88 5.62
N SER A 223 -28.47 -20.13 0.24
CA SER A 223 -27.95 -21.37 0.82
C SER A 223 -26.98 -22.17 -0.10
N PHE A 224 -26.13 -21.48 -0.82
CA PHE A 224 -25.14 -22.11 -1.69
C PHE A 224 -23.89 -22.43 -0.92
N PRO A 225 -22.85 -22.85 -1.62
CA PRO A 225 -21.64 -23.28 -0.95
C PRO A 225 -20.89 -22.10 -0.35
N ARG A 226 -20.37 -22.28 0.87
CA ARG A 226 -19.57 -21.27 1.55
C ARG A 226 -18.10 -21.60 1.43
N VAL A 227 -17.42 -20.76 0.66
CA VAL A 227 -16.13 -21.05 0.10
C VAL A 227 -15.05 -20.18 0.77
N LYS A 228 -13.94 -20.82 1.15
CA LYS A 228 -12.88 -20.21 1.92
C LYS A 228 -11.60 -20.29 1.11
N ILE A 229 -10.90 -19.18 0.95
CA ILE A 229 -9.64 -19.16 0.23
C ILE A 229 -8.55 -19.38 1.24
N GLN A 230 -7.75 -20.44 1.08
CA GLN A 230 -6.53 -20.67 1.82
C GLN A 230 -5.27 -20.54 0.95
N LEU A 231 -4.15 -20.24 1.59
CA LEU A 231 -2.87 -20.17 0.88
C LEU A 231 -2.14 -21.49 0.72
N ARG A 232 -1.81 -22.15 1.81
CA ARG A 232 -1.28 -23.52 1.70
C ARG A 232 -1.69 -24.14 2.95
N GLY A 233 -2.97 -24.37 3.02
CA GLY A 233 -3.56 -24.98 4.16
C GLY A 233 -3.98 -23.94 5.10
N SER A 234 -3.76 -22.67 4.81
CA SER A 234 -4.17 -21.76 5.87
C SER A 234 -4.77 -20.47 5.32
N ILE A 235 -5.62 -19.86 6.16
CA ILE A 235 -6.30 -18.56 5.95
C ILE A 235 -5.39 -17.34 6.29
N ILE A 236 -4.42 -17.61 7.16
CA ILE A 236 -3.39 -16.69 7.55
C ILE A 236 -2.49 -16.29 6.36
N GLY A 237 -2.34 -14.99 6.13
CA GLY A 237 -1.59 -14.49 4.97
C GLY A 237 -2.48 -14.15 3.77
N VAL A 238 -3.76 -14.48 3.88
CA VAL A 238 -4.68 -14.21 2.80
C VAL A 238 -5.28 -12.81 3.00
N PRO A 239 -5.06 -11.93 2.02
CA PRO A 239 -5.58 -10.56 2.08
C PRO A 239 -7.03 -10.53 2.55
N ASP A 240 -7.42 -9.60 3.39
CA ASP A 240 -8.72 -9.54 4.06
C ASP A 240 -9.74 -8.57 3.43
N GLU A 241 -9.30 -7.87 2.41
CA GLU A 241 -9.86 -6.65 1.96
C GLU A 241 -10.73 -6.93 0.77
N ILE A 242 -11.96 -6.50 0.89
CA ILE A 242 -12.98 -6.78 -0.06
C ILE A 242 -12.47 -6.64 -1.47
N ASN A 243 -11.71 -5.59 -1.74
CA ASN A 243 -11.27 -5.36 -3.10
C ASN A 243 -10.13 -6.28 -3.46
N LYS A 244 -9.44 -6.84 -2.48
CA LYS A 244 -8.39 -7.79 -2.80
C LYS A 244 -8.95 -9.19 -3.08
N ILE A 245 -9.96 -9.58 -2.32
CA ILE A 245 -10.65 -10.83 -2.59
C ILE A 245 -11.25 -10.88 -4.02
N LEU A 246 -12.02 -9.85 -4.34
CA LEU A 246 -12.58 -9.66 -5.66
C LEU A 246 -11.50 -9.74 -6.73
N GLU A 247 -10.41 -9.05 -6.57
CA GLU A 247 -9.32 -9.13 -7.55
C GLU A 247 -8.65 -10.51 -7.64
N ILE A 248 -8.50 -11.20 -6.51
CA ILE A 248 -8.00 -12.58 -6.56
C ILE A 248 -8.88 -13.46 -7.45
N ILE A 249 -10.19 -13.33 -7.29
CA ILE A 249 -11.09 -14.17 -8.03
C ILE A 249 -11.06 -13.88 -9.53
N LEU A 250 -11.01 -12.60 -9.88
CA LEU A 250 -10.98 -12.22 -11.27
C LEU A 250 -9.68 -12.66 -11.94
N ARG A 251 -8.57 -12.60 -11.22
CA ARG A 251 -7.27 -12.99 -11.78
C ARG A 251 -7.34 -14.45 -12.19
N VAL A 252 -7.94 -15.27 -11.32
CA VAL A 252 -8.06 -16.70 -11.55
C VAL A 252 -8.99 -16.98 -12.73
N LYS A 253 -10.07 -16.23 -12.84
CA LYS A 253 -11.07 -16.44 -13.86
C LYS A 253 -10.78 -15.82 -15.20
N GLU A 254 -10.19 -14.65 -15.23
CA GLU A 254 -10.09 -13.88 -16.47
C GLU A 254 -8.71 -13.95 -17.10
N LEU A 255 -7.71 -14.29 -16.27
CA LEU A 255 -6.30 -14.25 -16.67
C LEU A 255 -5.70 -15.62 -16.61
N ASP A 256 -6.43 -16.58 -16.08
CA ASP A 256 -5.92 -17.91 -16.09
C ASP A 256 -4.63 -17.93 -15.31
N GLN A 257 -4.73 -17.48 -14.07
CA GLN A 257 -3.64 -17.41 -13.14
C GLN A 257 -4.03 -18.28 -12.03
N SER A 258 -3.07 -18.79 -11.30
CA SER A 258 -3.41 -19.64 -10.20
C SER A 258 -3.78 -18.89 -8.96
N LEU A 259 -4.55 -19.54 -8.14
CA LEU A 259 -5.01 -18.93 -6.92
C LEU A 259 -3.84 -18.56 -6.03
N GLU A 260 -2.88 -19.49 -5.92
CA GLU A 260 -1.66 -19.26 -5.16
C GLU A 260 -1.00 -17.98 -5.66
N GLU A 261 -0.74 -17.91 -6.95
CA GLU A 261 0.01 -16.77 -7.50
C GLU A 261 -0.82 -15.50 -7.38
N ALA A 262 -2.12 -15.62 -7.55
CA ALA A 262 -3.01 -14.50 -7.35
C ALA A 262 -2.93 -13.91 -5.92
N ILE A 263 -3.02 -14.79 -4.92
CA ILE A 263 -2.97 -14.40 -3.54
C ILE A 263 -1.66 -13.72 -3.22
N ILE A 264 -0.58 -14.30 -3.69
CA ILE A 264 0.71 -13.83 -3.31
C ILE A 264 0.94 -12.46 -3.93
N SER A 265 0.47 -12.28 -5.15
CA SER A 265 0.67 -11.02 -5.87
C SER A 265 -0.01 -9.87 -5.12
N LEU A 266 -1.08 -10.18 -4.43
CA LEU A 266 -1.89 -9.18 -3.76
C LEU A 266 -1.63 -9.03 -2.25
N GLN A 267 -0.71 -9.79 -1.69
CA GLN A 267 -0.44 -9.68 -0.26
C GLN A 267 0.19 -8.32 0.02
N SER A 268 -0.17 -7.73 1.16
CA SER A 268 0.63 -6.68 1.84
C SER A 268 1.84 -7.17 2.66
N LYS A 269 2.74 -6.24 3.06
CA LYS A 269 3.93 -6.63 3.82
C LYS A 269 3.45 -7.36 5.05
N SER A 270 2.38 -6.82 5.65
CA SER A 270 1.77 -7.36 6.86
C SER A 270 1.22 -8.77 6.67
N ASP A 271 0.63 -9.08 5.52
CA ASP A 271 0.11 -10.45 5.25
C ASP A 271 1.24 -11.46 5.28
N LYS A 272 2.34 -11.14 4.60
CA LYS A 272 3.51 -11.97 4.55
C LYS A 272 4.13 -12.12 5.93
N ILE A 273 4.30 -10.99 6.63
CA ILE A 273 4.89 -11.00 7.96
C ILE A 273 4.08 -11.89 8.85
N SER A 274 2.78 -11.77 8.79
CA SER A 274 2.00 -12.46 9.78
C SER A 274 2.06 -13.97 9.52
N ARG A 275 2.25 -14.33 8.25
CA ARG A 275 2.27 -15.72 7.82
C ARG A 275 3.60 -16.40 8.10
N LEU A 276 4.71 -15.69 7.83
CA LEU A 276 6.04 -16.16 8.22
C LEU A 276 6.16 -16.36 9.71
N LEU A 277 5.70 -15.39 10.46
CA LEU A 277 5.76 -15.47 11.90
C LEU A 277 5.04 -16.74 12.31
N HIS A 278 3.83 -16.92 11.81
CA HIS A 278 3.00 -18.04 12.22
C HIS A 278 3.74 -19.35 11.97
N ASP A 279 4.37 -19.45 10.80
CA ASP A 279 4.92 -20.68 10.29
C ASP A 279 6.29 -20.97 10.88
N VAL A 280 6.91 -19.93 11.43
CA VAL A 280 8.15 -20.13 12.16
C VAL A 280 7.88 -20.62 13.57
N GLN A 281 6.87 -20.08 14.23
CA GLN A 281 6.34 -20.68 15.46
C GLN A 281 6.05 -22.16 15.27
N LEU A 282 5.47 -22.51 14.13
CA LEU A 282 5.09 -23.89 13.90
C LEU A 282 6.32 -24.76 13.62
N TYR A 283 7.09 -24.40 12.60
CA TYR A 283 8.04 -25.34 11.96
C TYR A 283 9.52 -24.98 12.16
N GLY A 284 9.78 -23.77 12.66
CA GLY A 284 11.11 -23.39 13.10
C GLY A 284 11.87 -22.66 12.02
N MET A 285 13.05 -22.19 12.37
CA MET A 285 13.77 -21.19 11.59
C MET A 285 14.20 -21.71 10.21
N GLU A 286 14.58 -23.00 10.13
CA GLU A 286 14.88 -23.64 8.83
C GLU A 286 13.84 -23.24 7.76
N VAL A 287 12.62 -22.93 8.17
CA VAL A 287 11.55 -22.61 7.22
C VAL A 287 11.67 -21.21 6.63
N LEU A 288 12.25 -20.32 7.40
CA LEU A 288 12.13 -18.92 7.13
C LEU A 288 12.61 -18.55 5.75
N GLU A 289 13.83 -18.94 5.42
CA GLU A 289 14.50 -18.42 4.24
C GLU A 289 13.74 -18.80 2.98
N GLU A 290 13.30 -20.06 2.92
CA GLU A 290 12.78 -20.65 1.69
C GLU A 290 11.33 -20.23 1.49
N GLU A 291 10.62 -20.12 2.60
CA GLU A 291 9.23 -19.68 2.63
C GLU A 291 9.10 -18.16 2.37
N ALA A 292 10.19 -17.42 2.53
CA ALA A 292 10.28 -16.05 2.05
C ALA A 292 10.52 -15.97 0.55
N ARG A 293 11.28 -16.88 -0.05
CA ARG A 293 11.46 -16.84 -1.51
C ARG A 293 10.19 -17.22 -2.23
N TRP A 294 9.39 -18.08 -1.59
CA TRP A 294 8.09 -18.48 -2.14
C TRP A 294 7.01 -17.35 -1.96
N LEU A 295 6.93 -16.78 -0.77
CA LEU A 295 6.08 -15.64 -0.56
C LEU A 295 6.64 -14.40 -1.24
N ARG A 296 7.76 -14.53 -1.90
CA ARG A 296 8.34 -13.46 -2.66
C ARG A 296 8.59 -12.26 -1.79
N ALA A 297 9.06 -12.53 -0.60
CA ALA A 297 9.05 -11.58 0.49
C ALA A 297 10.35 -10.80 0.44
N ASP A 298 10.32 -9.49 0.68
CA ASP A 298 11.52 -8.66 0.49
C ASP A 298 12.30 -8.52 1.78
N ASP A 299 13.45 -7.87 1.69
CA ASP A 299 14.41 -7.84 2.79
C ASP A 299 13.73 -7.29 4.04
N LYS A 300 13.00 -6.20 3.87
CA LYS A 300 12.39 -5.55 5.00
C LYS A 300 11.47 -6.51 5.74
N VAL A 301 10.75 -7.35 5.01
CA VAL A 301 9.86 -8.32 5.66
C VAL A 301 10.68 -9.31 6.48
N ILE A 302 11.76 -9.81 5.88
CA ILE A 302 12.51 -10.88 6.55
C ILE A 302 13.24 -10.32 7.77
N GLU A 303 13.77 -9.11 7.59
CA GLU A 303 14.38 -8.32 8.67
C GLU A 303 13.45 -8.28 9.86
N ILE A 304 12.21 -7.93 9.60
CA ILE A 304 11.27 -7.77 10.68
C ILE A 304 10.98 -9.07 11.33
N VAL A 305 10.86 -10.13 10.55
CA VAL A 305 10.48 -11.42 11.10
C VAL A 305 11.61 -11.99 11.93
N ARG A 306 12.83 -11.84 11.47
CA ARG A 306 13.99 -12.09 12.35
C ARG A 306 13.91 -11.33 13.66
N SER A 307 13.48 -10.06 13.60
CA SER A 307 13.68 -9.16 14.73
C SER A 307 12.70 -9.51 15.82
N ARG A 308 11.70 -10.28 15.47
CA ARG A 308 10.67 -10.65 16.44
C ARG A 308 11.07 -11.88 17.19
N LEU A 309 11.99 -12.65 16.61
CA LEU A 309 12.36 -13.94 17.17
C LEU A 309 13.57 -13.72 18.04
N GLY A 310 14.52 -12.93 17.52
CA GLY A 310 15.76 -12.55 18.22
C GLY A 310 16.70 -11.71 17.35
N HIS B 20 17.73 18.20 14.19
CA HIS B 20 18.08 16.82 14.60
C HIS B 20 18.82 16.07 13.48
N MET B 21 19.56 15.02 13.86
CA MET B 21 20.54 14.41 12.99
C MET B 21 20.05 12.99 12.81
N THR B 22 20.19 12.44 11.58
CA THR B 22 20.05 11.00 11.31
C THR B 22 21.31 10.20 11.61
N LEU B 23 21.12 8.90 11.81
CA LEU B 23 22.20 7.94 11.84
C LEU B 23 23.16 8.05 10.66
N ALA B 24 22.67 8.31 9.46
CA ALA B 24 23.59 8.45 8.35
C ALA B 24 24.50 9.68 8.57
N LYS B 25 23.96 10.72 9.19
CA LYS B 25 24.64 11.98 9.29
C LYS B 25 25.71 11.90 10.34
N VAL B 26 25.36 11.31 11.48
CA VAL B 26 26.29 11.02 12.56
C VAL B 26 27.45 10.16 12.07
N PHE B 27 27.11 9.14 11.31
CA PHE B 27 28.13 8.21 10.81
C PHE B 27 29.10 8.99 9.97
N SER B 28 28.59 9.89 9.14
CA SER B 28 29.42 10.53 8.13
C SER B 28 30.38 11.54 8.78
N GLN B 29 29.98 12.09 9.90
CA GLN B 29 30.78 13.12 10.57
C GLN B 29 31.94 12.48 11.35
N LYS B 30 31.70 11.37 12.02
CA LYS B 30 32.78 10.56 12.51
C LYS B 30 33.71 10.12 11.38
N LEU B 31 33.17 9.76 10.23
CA LEU B 31 34.01 9.19 9.19
C LEU B 31 34.94 10.25 8.62
N ARG B 32 34.42 11.46 8.45
CA ARG B 32 35.25 12.52 7.91
C ARG B 32 36.33 12.87 8.91
N GLU B 33 35.95 12.94 10.17
CA GLU B 33 36.87 13.28 11.24
C GLU B 33 38.00 12.30 11.25
N LEU B 34 37.71 11.05 10.98
CA LEU B 34 38.74 10.03 10.87
C LEU B 34 39.57 10.13 9.58
N GLY B 35 39.19 11.06 8.72
CA GLY B 35 39.90 11.31 7.49
C GLY B 35 39.32 10.54 6.31
N ILE B 36 38.20 9.86 6.52
CA ILE B 36 37.76 8.85 5.57
C ILE B 36 36.67 9.41 4.68
N SER B 37 36.97 9.51 3.38
CA SER B 37 36.05 10.14 2.42
C SER B 37 35.40 9.15 1.41
N SER B 38 35.85 7.89 1.43
CA SER B 38 35.46 6.91 0.42
C SER B 38 35.36 5.52 1.04
N ILE B 39 34.31 4.78 0.68
CA ILE B 39 34.20 3.40 1.11
C ILE B 39 33.81 2.46 -0.04
N TYR B 40 34.60 1.41 -0.20
CA TYR B 40 34.21 0.29 -1.06
C TYR B 40 33.15 -0.55 -0.38
N ILE B 41 31.99 -0.67 -1.01
CA ILE B 41 30.82 -1.27 -0.36
C ILE B 41 30.46 -2.62 -0.95
N GLY B 42 31.09 -2.96 -2.07
CA GLY B 42 30.82 -4.25 -2.75
C GLY B 42 29.38 -4.35 -3.22
N HIS B 43 28.62 -5.21 -2.55
CA HIS B 43 27.30 -5.62 -3.00
C HIS B 43 26.28 -5.08 -2.02
N GLU B 44 26.72 -4.21 -1.13
CA GLU B 44 25.81 -3.71 -0.07
C GLU B 44 24.95 -2.60 -0.65
N ARG B 45 23.77 -2.43 -0.11
CA ARG B 45 22.90 -1.33 -0.49
C ARG B 45 23.59 0.02 -0.30
N PRO B 46 23.54 0.91 -1.28
CA PRO B 46 24.51 1.96 -1.33
C PRO B 46 23.95 3.18 -0.60
N SER B 47 23.74 3.03 0.72
CA SER B 47 23.17 4.06 1.56
C SER B 47 23.80 4.05 2.98
N LEU B 48 24.27 5.21 3.44
CA LEU B 48 24.95 5.32 4.75
C LEU B 48 24.06 4.87 5.89
N GLN B 49 22.79 5.26 5.81
CA GLN B 49 21.82 4.81 6.79
C GLN B 49 21.81 3.29 6.89
N SER B 50 21.78 2.60 5.76
CA SER B 50 21.64 1.14 5.80
C SER B 50 22.98 0.47 6.18
N LEU B 51 24.08 0.96 5.62
CA LEU B 51 25.40 0.55 6.07
C LEU B 51 25.57 0.65 7.59
N ALA B 52 25.11 1.74 8.18
CA ALA B 52 25.43 2.00 9.59
C ALA B 52 24.62 1.06 10.47
N ILE B 53 23.36 0.87 10.06
CA ILE B 53 22.48 -0.08 10.70
C ILE B 53 23.09 -1.46 10.65
N LYS B 54 23.70 -1.81 9.54
CA LYS B 54 24.27 -3.17 9.40
C LYS B 54 25.46 -3.35 10.37
N MET B 55 26.26 -2.29 10.45
CA MET B 55 27.43 -2.23 11.32
C MET B 55 27.08 -2.37 12.78
N LEU B 56 26.02 -1.73 13.20
CA LEU B 56 25.55 -1.83 14.59
C LEU B 56 24.98 -3.20 14.91
N LEU B 57 24.36 -3.85 13.90
CA LEU B 57 23.50 -5.00 14.19
C LEU B 57 24.10 -6.31 13.75
N LYS B 58 25.18 -6.25 12.99
CA LYS B 58 25.85 -7.47 12.50
C LYS B 58 27.36 -7.35 12.66
N ASN B 59 28.07 -8.40 12.24
CA ASN B 59 29.52 -8.43 12.34
C ASN B 59 30.19 -7.68 11.18
N TYR B 60 29.50 -6.65 10.68
CA TYR B 60 30.02 -5.85 9.58
C TYR B 60 30.74 -4.60 10.10
N GLY B 61 31.78 -4.20 9.39
CA GLY B 61 32.54 -3.03 9.77
C GLY B 61 33.54 -2.68 8.70
N LEU B 62 34.55 -1.88 9.09
CA LEU B 62 35.56 -1.42 8.16
C LEU B 62 36.89 -2.17 8.31
N VAL B 63 37.53 -2.39 7.17
CA VAL B 63 38.81 -3.01 7.06
C VAL B 63 39.72 -2.13 6.19
N GLU B 64 40.98 -1.97 6.60
CA GLU B 64 41.88 -1.02 5.96
C GLU B 64 42.57 -1.65 4.75
N GLU B 65 42.09 -1.33 3.56
CA GLU B 65 42.67 -1.88 2.33
C GLU B 65 42.43 -0.94 1.16
N ARG B 66 43.34 -1.01 0.18
CA ARG B 66 43.30 -0.16 -0.98
C ARG B 66 42.64 -0.86 -2.16
N ARG B 67 41.57 -0.24 -2.68
CA ARG B 67 40.76 -0.83 -3.76
C ARG B 67 40.37 0.24 -4.78
N GLU B 68 39.83 -0.19 -5.93
CA GLU B 68 39.18 0.70 -6.90
C GLU B 68 37.76 0.28 -7.24
N GLY B 69 36.93 1.26 -7.61
CA GLY B 69 35.56 0.98 -8.04
C GLY B 69 34.97 2.05 -8.95
N MET B 70 33.82 1.81 -9.54
CA MET B 70 33.15 2.93 -10.13
C MET B 70 32.15 3.47 -9.14
N LEU B 71 31.93 4.77 -9.21
CA LEU B 71 31.18 5.52 -8.21
C LEU B 71 29.68 5.36 -8.41
N ILE B 72 28.98 4.97 -7.34
CA ILE B 72 27.54 4.79 -7.40
C ILE B 72 26.81 6.00 -6.84
N THR B 73 26.85 6.16 -5.52
CA THR B 73 26.18 7.29 -4.87
C THR B 73 27.16 8.05 -3.97
N GLN B 74 26.84 9.30 -3.70
CA GLN B 74 27.69 10.14 -2.91
C GLN B 74 26.87 10.70 -1.76
N ASP B 75 26.76 9.93 -0.69
CA ASP B 75 25.83 10.19 0.41
C ASP B 75 26.55 10.98 1.50
N HIS B 76 25.98 12.10 1.90
CA HIS B 76 26.46 12.89 3.04
C HIS B 76 27.98 13.06 3.00
N GLY B 77 28.47 13.45 1.82
CA GLY B 77 29.86 13.85 1.66
C GLY B 77 30.83 12.68 1.53
N ILE B 78 30.28 11.48 1.39
CA ILE B 78 31.13 10.29 1.36
C ILE B 78 30.91 9.45 0.12
N LYS B 79 31.99 9.19 -0.61
CA LYS B 79 31.93 8.49 -1.88
C LYS B 79 31.79 6.99 -1.64
N LEU B 80 30.69 6.41 -2.13
CA LEU B 80 30.44 4.97 -2.04
C LEU B 80 30.80 4.22 -3.31
N ILE B 81 31.75 3.30 -3.19
CA ILE B 81 32.48 2.75 -4.33
C ILE B 81 32.06 1.29 -4.46
N SER B 82 31.97 0.79 -5.69
CA SER B 82 31.63 -0.59 -5.96
C SER B 82 32.27 -1.06 -7.27
N GLY B 83 32.40 -2.37 -7.45
CA GLY B 83 32.96 -2.90 -8.68
C GLY B 83 34.36 -2.41 -8.94
N LYS B 84 34.96 -2.84 -10.04
CA LYS B 84 36.33 -2.45 -10.35
C LYS B 84 36.42 -0.96 -10.50
N GLY B 85 35.62 -0.42 -11.40
CA GLY B 85 35.50 1.02 -11.54
C GLY B 85 36.83 1.70 -11.59
N THR B 86 36.85 2.99 -11.30
CA THR B 86 38.10 3.74 -11.35
C THR B 86 38.37 4.64 -10.14
N GLU B 87 37.57 4.53 -9.08
CA GLU B 87 37.73 5.43 -7.94
C GLU B 87 38.76 4.92 -6.97
N THR B 88 38.87 5.56 -5.81
CA THR B 88 39.93 5.22 -4.85
C THR B 88 39.44 5.18 -3.39
N SER B 89 39.31 3.96 -2.85
CA SER B 89 39.02 3.73 -1.42
C SER B 89 40.30 3.38 -0.64
N ARG B 90 40.44 3.90 0.58
CA ARG B 90 41.43 3.44 1.55
C ARG B 90 40.82 2.47 2.61
N TYR B 91 39.50 2.41 2.66
CA TYR B 91 38.76 1.50 3.56
C TYR B 91 37.62 0.76 2.82
N THR B 92 37.48 -0.54 3.10
CA THR B 92 36.40 -1.34 2.55
C THR B 92 35.49 -1.81 3.67
N PHE B 93 34.18 -1.79 3.38
CA PHE B 93 33.15 -2.25 4.30
C PHE B 93 32.95 -3.73 4.05
N ARG B 94 33.10 -4.55 5.08
CA ARG B 94 33.04 -6.00 4.89
C ARG B 94 32.78 -6.76 6.15
N LYS B 95 32.27 -7.97 5.96
CA LYS B 95 32.01 -8.93 7.03
C LYS B 95 33.28 -9.28 7.76
N GLY B 96 33.17 -9.31 9.06
CA GLY B 96 34.24 -8.96 9.95
C GLY B 96 35.15 -7.79 10.16
N GLY B 97 34.78 -6.61 9.71
CA GLY B 97 35.65 -5.47 9.86
C GLY B 97 35.35 -4.81 11.17
N LYS B 98 36.10 -3.79 11.51
CA LYS B 98 35.91 -3.16 12.81
C LYS B 98 34.87 -2.06 12.81
N LYS B 99 34.01 -2.06 13.81
CA LYS B 99 32.99 -1.02 13.91
C LYS B 99 33.63 0.30 14.27
N VAL B 100 33.12 1.38 13.74
CA VAL B 100 33.53 2.74 14.02
C VAL B 100 32.81 3.29 15.25
N SER B 101 33.50 3.87 16.22
CA SER B 101 32.78 4.37 17.39
C SER B 101 32.07 5.73 17.10
N ILE B 102 30.73 5.70 17.12
CA ILE B 102 29.92 6.87 16.98
C ILE B 102 29.10 7.04 18.24
N HIS B 103 28.77 8.27 18.60
CA HIS B 103 27.75 8.49 19.64
C HIS B 103 26.40 8.44 18.99
N LEU B 104 25.51 7.57 19.46
CA LEU B 104 24.18 7.45 18.84
C LEU B 104 23.28 8.51 19.46
N PRO B 105 22.42 9.15 18.64
CA PRO B 105 21.53 10.18 19.16
C PRO B 105 20.55 9.63 20.14
N GLU B 106 20.56 10.16 21.35
CA GLU B 106 19.56 9.84 22.34
C GLU B 106 18.12 10.15 21.85
N TYR B 107 17.98 11.09 20.93
CA TYR B 107 16.70 11.76 20.62
C TYR B 107 16.56 11.91 19.10
N PRO B 108 15.32 11.75 18.58
CA PRO B 108 14.11 11.69 19.39
C PRO B 108 13.89 10.28 19.87
N LYS B 109 13.06 10.14 20.90
CA LYS B 109 12.57 8.86 21.40
C LYS B 109 11.14 8.70 21.00
N MET B 110 10.84 7.63 20.29
CA MET B 110 9.52 7.35 19.86
C MET B 110 8.94 6.23 20.69
N VAL B 111 7.87 6.52 21.42
CA VAL B 111 7.30 5.60 22.39
C VAL B 111 5.94 5.09 21.90
N ILE B 112 5.75 3.78 21.84
CA ILE B 112 4.44 3.22 21.52
C ILE B 112 3.82 2.60 22.77
N ASP B 113 2.60 2.98 23.09
CA ASP B 113 2.00 2.58 24.35
C ASP B 113 0.88 1.57 24.22
N LEU B 114 1.09 0.38 24.76
CA LEU B 114 0.10 -0.68 24.71
C LEU B 114 -0.52 -0.94 26.08
N GLY B 115 -0.95 0.14 26.73
CA GLY B 115 -1.56 0.03 28.05
C GLY B 115 -2.89 -0.70 28.02
N LEU B 116 -3.57 -0.61 26.88
CA LEU B 116 -4.90 -1.21 26.75
C LEU B 116 -4.91 -2.50 25.97
N PHE B 117 -3.75 -2.91 25.53
CA PHE B 117 -3.58 -3.94 24.53
C PHE B 117 -4.49 -5.10 24.83
N GLU B 118 -4.43 -5.55 26.07
CA GLU B 118 -5.48 -6.41 26.58
C GLU B 118 -6.73 -5.57 26.82
N PHE B 119 -7.88 -6.22 26.91
CA PHE B 119 -9.16 -5.55 26.70
C PHE B 119 -9.22 -5.00 25.28
N LEU B 120 -8.66 -5.78 24.36
CA LEU B 120 -8.81 -5.65 22.93
C LEU B 120 -9.19 -7.01 22.40
N ASN B 121 -9.33 -7.13 21.08
CA ASN B 121 -9.70 -8.40 20.45
C ASN B 121 -8.55 -9.09 19.77
N GLU B 122 -8.64 -10.40 19.65
CA GLU B 122 -7.53 -11.19 19.12
C GLU B 122 -7.20 -10.74 17.69
N GLU B 123 -8.22 -10.40 16.90
CA GLU B 123 -7.99 -9.86 15.57
C GLU B 123 -7.43 -8.44 15.64
N GLU B 124 -7.89 -7.66 16.61
CA GLU B 124 -7.38 -6.31 16.86
C GLU B 124 -5.91 -6.34 17.27
N LYS B 125 -5.59 -7.32 18.13
CA LYS B 125 -4.26 -7.48 18.70
C LYS B 125 -3.24 -7.81 17.63
N GLU B 126 -3.60 -8.69 16.71
CA GLU B 126 -2.69 -9.01 15.64
C GLU B 126 -2.46 -7.77 14.78
N LYS B 127 -3.50 -7.03 14.43
CA LYS B 127 -3.29 -5.91 13.52
C LYS B 127 -2.54 -4.78 14.23
N THR B 128 -2.82 -4.58 15.51
CA THR B 128 -2.01 -3.65 16.27
C THR B 128 -0.54 -4.06 16.25
N LEU B 129 -0.26 -5.31 16.60
CA LEU B 129 1.11 -5.75 16.64
C LEU B 129 1.77 -5.75 15.27
N LEU B 130 1.04 -6.13 14.23
CA LEU B 130 1.57 -5.91 12.88
C LEU B 130 1.97 -4.47 12.60
N GLN B 131 1.20 -3.54 13.12
CA GLN B 131 1.54 -2.11 12.94
C GLN B 131 2.74 -1.72 13.72
N VAL B 132 2.84 -2.18 14.95
CA VAL B 132 4.07 -1.96 15.69
C VAL B 132 5.27 -2.60 14.97
N ASP B 133 5.17 -3.85 14.56
CA ASP B 133 6.29 -4.45 13.85
C ASP B 133 6.82 -3.56 12.73
N LEU B 134 5.94 -2.96 11.93
CA LEU B 134 6.41 -2.10 10.82
C LEU B 134 7.13 -0.82 11.33
N CYS B 135 6.91 -0.44 12.58
CA CYS B 135 7.71 0.67 13.16
C CYS B 135 9.23 0.40 13.14
N LEU B 136 9.63 -0.84 13.37
CA LEU B 136 11.03 -1.18 13.31
C LEU B 136 11.65 -0.82 11.99
N SER B 137 10.96 -1.02 10.89
CA SER B 137 11.54 -0.68 9.61
C SER B 137 11.67 0.86 9.40
N VAL B 138 10.69 1.62 9.89
CA VAL B 138 10.71 3.04 9.79
C VAL B 138 11.83 3.63 10.67
N ILE B 139 11.90 3.20 11.92
CA ILE B 139 12.94 3.69 12.82
C ILE B 139 14.34 3.44 12.24
N ARG B 140 14.54 2.32 11.58
CA ARG B 140 15.80 2.01 10.95
C ARG B 140 16.03 2.77 9.64
N LYS B 141 15.04 3.52 9.16
CA LYS B 141 15.25 4.46 8.02
C LYS B 141 15.97 5.77 8.38
N PHE B 142 15.81 6.19 9.63
CA PHE B 142 16.24 7.49 10.13
C PHE B 142 17.19 7.44 11.33
N LEU B 143 16.80 6.64 12.32
CA LEU B 143 17.58 6.46 13.55
C LEU B 143 18.08 5.02 13.69
N TRP B 144 17.74 4.37 14.80
CA TRP B 144 18.17 3.01 15.01
C TRP B 144 17.23 2.43 16.04
N ASP B 145 17.22 1.12 16.26
CA ASP B 145 16.19 0.42 17.01
C ASP B 145 16.11 1.05 18.38
N GLY B 146 17.24 1.49 18.92
CA GLY B 146 17.27 2.09 20.26
C GLY B 146 16.33 3.27 20.50
N ASN B 147 16.04 4.04 19.46
CA ASN B 147 15.21 5.22 19.68
C ASN B 147 13.74 4.84 19.83
N LEU B 148 13.40 3.55 19.62
CA LEU B 148 12.01 3.08 19.77
C LEU B 148 11.79 2.38 21.08
N THR B 149 10.69 2.68 21.75
CA THR B 149 10.29 2.04 23.02
C THR B 149 8.87 1.55 22.93
N VAL B 150 8.58 0.34 23.42
CA VAL B 150 7.24 -0.16 23.50
C VAL B 150 6.80 -0.42 24.93
N VAL B 151 5.67 0.13 25.34
CA VAL B 151 5.32 0.10 26.75
C VAL B 151 4.11 -0.74 26.98
N GLY B 152 4.25 -1.71 27.87
CA GLY B 152 3.11 -2.28 28.58
C GLY B 152 2.78 -3.65 28.03
N LYS B 153 3.78 -4.28 27.41
CA LYS B 153 3.69 -5.70 27.02
C LYS B 153 5.09 -6.35 27.10
N ALA B 154 5.31 -7.18 28.10
CA ALA B 154 6.65 -7.59 28.47
C ALA B 154 7.17 -8.81 27.68
N ASP B 155 6.26 -9.58 27.09
CA ASP B 155 6.68 -10.70 26.25
C ASP B 155 6.95 -10.24 24.80
N TYR B 156 6.87 -8.95 24.54
CA TYR B 156 7.13 -8.49 23.18
C TYR B 156 8.62 -8.33 22.97
N VAL B 157 9.06 -8.61 21.74
CA VAL B 157 10.45 -8.45 21.37
C VAL B 157 10.62 -7.97 19.96
N LEU B 158 11.33 -6.85 19.77
CA LEU B 158 11.42 -6.23 18.47
C LEU B 158 12.80 -5.70 18.25
N GLY B 159 13.68 -6.49 17.68
CA GLY B 159 15.10 -6.13 17.61
C GLY B 159 15.58 -5.58 18.93
N ARG B 160 16.39 -4.52 18.87
CA ARG B 160 16.87 -3.85 20.07
C ARG B 160 15.87 -2.90 20.75
N ALA B 161 14.70 -2.67 20.17
CA ALA B 161 13.75 -1.75 20.81
C ALA B 161 13.71 -1.90 22.30
N ASN B 162 13.58 -0.81 23.05
CA ASN B 162 13.30 -0.93 24.48
C ASN B 162 11.91 -1.39 24.77
N ILE B 163 11.85 -2.39 25.63
CA ILE B 163 10.62 -3.00 26.05
C ILE B 163 10.58 -2.83 27.56
N VAL B 164 9.70 -1.94 28.01
CA VAL B 164 9.57 -1.57 29.40
C VAL B 164 8.11 -1.61 29.84
N GLN B 165 7.85 -1.62 31.12
CA GLN B 165 6.53 -1.83 31.65
C GLN B 165 5.82 -0.57 32.06
N SER B 166 6.59 0.43 32.44
CA SER B 166 6.16 1.81 32.34
C SER B 166 7.32 2.70 31.92
N LEU B 167 7.00 3.94 31.58
CA LEU B 167 7.96 4.82 30.90
C LEU B 167 8.63 5.74 31.92
N SER B 168 9.97 5.76 31.94
CA SER B 168 10.69 6.53 32.97
C SER B 168 11.28 7.81 32.38
N LEU B 169 10.94 8.94 33.00
CA LEU B 169 11.15 10.25 32.39
C LEU B 169 12.34 10.97 33.00
N SER B 170 13.20 11.52 32.15
CA SER B 170 14.35 12.26 32.62
C SER B 170 14.27 13.74 32.22
N ASP B 171 15.09 14.56 32.85
CA ASP B 171 14.93 16.00 32.80
C ASP B 171 15.09 16.57 31.38
N GLU B 172 15.92 15.93 30.56
CA GLU B 172 16.04 16.35 29.15
C GLU B 172 14.85 15.93 28.29
N ASP B 173 13.96 15.10 28.82
CA ASP B 173 12.75 14.71 28.07
C ASP B 173 11.76 15.86 27.97
N ASN B 174 11.33 16.18 26.75
CA ASN B 174 10.23 17.13 26.50
C ASN B 174 9.21 16.53 25.54
N PRO B 175 8.16 15.90 26.09
CA PRO B 175 7.29 15.00 25.39
C PRO B 175 5.95 15.58 24.95
N VAL B 176 5.36 14.96 23.92
CA VAL B 176 3.99 15.23 23.57
C VAL B 176 3.29 13.93 23.48
N ILE B 177 1.97 13.96 23.61
CA ILE B 177 1.17 12.80 23.23
C ILE B 177 0.50 13.00 21.92
N LEU B 178 0.56 12.04 21.02
CA LEU B 178 -0.22 12.14 19.81
C LEU B 178 -1.65 11.72 20.02
N ASP B 179 -2.57 12.60 19.73
CA ASP B 179 -3.96 12.39 20.11
C ASP B 179 -4.85 13.02 19.07
N PRO B 180 -5.72 12.20 18.44
CA PRO B 180 -6.51 12.71 17.33
C PRO B 180 -7.64 13.54 17.83
N TYR B 181 -7.82 13.59 19.13
CA TYR B 181 -8.70 14.57 19.76
C TYR B 181 -7.96 15.73 20.45
N GLY B 182 -6.69 15.94 20.14
CA GLY B 182 -5.89 16.89 20.89
C GLY B 182 -6.17 18.39 20.80
N ASP B 183 -5.98 19.10 21.90
CA ASP B 183 -6.16 20.56 21.91
C ASP B 183 -5.00 21.38 21.34
N VAL B 184 -4.01 20.74 20.71
CA VAL B 184 -2.92 21.49 20.13
C VAL B 184 -2.70 20.94 18.73
N VAL B 185 -2.84 21.77 17.73
CA VAL B 185 -2.56 21.38 16.35
C VAL B 185 -1.06 21.24 16.10
N ALA B 186 -0.68 20.19 15.40
CA ALA B 186 0.70 19.94 15.09
C ALA B 186 1.20 20.95 14.07
N THR B 187 2.45 21.38 14.21
CA THR B 187 3.12 22.25 13.24
C THR B 187 4.56 21.81 13.11
N ASP B 188 5.24 22.24 12.05
CA ASP B 188 6.63 21.90 11.88
C ASP B 188 7.37 22.21 13.14
N GLN B 189 7.14 23.37 13.71
CA GLN B 189 7.99 23.78 14.80
C GLN B 189 7.64 23.12 16.08
N ILE B 190 6.43 22.70 16.27
CA ILE B 190 6.10 22.00 17.52
C ILE B 190 6.61 20.55 17.54
N LEU B 191 6.63 19.90 16.39
CA LEU B 191 7.31 18.63 16.29
C LEU B 191 8.84 18.81 16.40
N ARG B 192 9.35 19.93 15.88
CA ARG B 192 10.79 20.17 15.92
C ARG B 192 11.23 20.55 17.31
N ASP B 193 10.40 21.22 18.04
CA ASP B 193 10.82 21.67 19.37
C ASP B 193 10.66 20.60 20.43
N HIS B 194 10.16 19.42 20.09
CA HIS B 194 9.98 18.37 21.09
C HIS B 194 10.79 17.14 20.73
N ASN B 195 11.10 16.29 21.71
CA ASN B 195 12.00 15.20 21.49
C ASN B 195 11.53 13.81 22.02
N VAL B 196 10.34 13.76 22.64
CA VAL B 196 9.69 12.51 22.93
C VAL B 196 8.22 12.54 22.45
N PHE B 197 7.79 11.44 21.81
CA PHE B 197 6.47 11.31 21.25
C PHE B 197 5.81 9.99 21.61
N VAL B 198 4.69 10.07 22.31
CA VAL B 198 3.97 8.91 22.71
C VAL B 198 2.77 8.73 21.77
N ILE B 199 2.69 7.55 21.17
CA ILE B 199 1.65 7.16 20.25
C ILE B 199 0.94 5.93 20.78
N GLY B 200 -0.40 5.91 20.70
CA GLY B 200 -1.22 4.80 21.23
C GLY B 200 -1.28 3.64 20.25
N GLY B 201 -1.96 2.55 20.63
CA GLY B 201 -2.63 1.60 19.69
C GLY B 201 -4.06 1.24 20.03
N ARG B 215 -7.62 9.16 27.61
CA ARG B 215 -8.12 8.24 28.63
C ARG B 215 -7.04 7.27 29.10
N LEU B 216 -6.18 6.85 28.18
CA LEU B 216 -4.86 6.32 28.50
C LEU B 216 -3.98 7.36 29.20
N ALA B 217 -3.90 8.55 28.59
CA ALA B 217 -3.14 9.67 29.15
C ALA B 217 -3.51 9.95 30.62
N LEU B 218 -4.78 9.75 30.97
CA LEU B 218 -5.26 10.06 32.31
C LEU B 218 -5.06 8.90 33.29
N SER B 219 -5.00 7.67 32.77
CA SER B 219 -4.64 6.53 33.61
C SER B 219 -3.15 6.55 33.97
N ARG B 220 -2.31 6.74 32.96
CA ARG B 220 -0.86 6.78 33.15
C ARG B 220 -0.34 8.10 33.74
N GLY B 221 -1.19 9.13 33.81
CA GLY B 221 -0.82 10.41 34.43
C GLY B 221 0.18 11.26 33.65
N TYR B 222 0.12 11.20 32.33
CA TYR B 222 0.88 12.14 31.47
C TYR B 222 0.16 13.49 31.39
N SER B 223 0.79 14.56 31.87
CA SER B 223 0.17 15.89 31.72
C SER B 223 0.77 16.69 30.57
N PHE B 224 1.27 16.00 29.55
CA PHE B 224 1.92 16.67 28.43
C PHE B 224 0.89 17.11 27.44
N PRO B 225 1.30 17.97 26.49
CA PRO B 225 0.40 18.45 25.48
C PRO B 225 -0.09 17.32 24.64
N ARG B 226 -1.38 17.38 24.26
CA ARG B 226 -1.99 16.44 23.36
C ARG B 226 -2.08 17.01 21.98
N VAL B 227 -1.32 16.46 21.08
CA VAL B 227 -1.10 17.07 19.79
C VAL B 227 -1.82 16.27 18.70
N LYS B 228 -2.50 16.98 17.84
CA LYS B 228 -3.33 16.40 16.83
C LYS B 228 -2.74 16.75 15.50
N ILE B 229 -2.58 15.75 14.63
CA ILE B 229 -2.11 16.02 13.28
C ILE B 229 -3.32 16.24 12.33
N GLN B 230 -3.39 17.43 11.74
CA GLN B 230 -4.33 17.77 10.75
C GLN B 230 -3.67 18.04 9.43
N LEU B 231 -4.41 17.71 8.38
CA LEU B 231 -4.10 18.18 7.04
C LEU B 231 -5.06 19.34 6.68
N ARG B 232 -4.50 20.53 6.50
CA ARG B 232 -5.27 21.73 6.17
C ARG B 232 -6.64 21.72 6.77
N GLY B 233 -6.73 21.66 8.09
CA GLY B 233 -7.96 21.92 8.78
C GLY B 233 -8.65 20.71 9.39
N SER B 234 -8.19 19.48 9.08
CA SER B 234 -8.98 18.28 9.36
C SER B 234 -8.08 17.05 9.44
N ILE B 235 -8.54 16.03 10.16
CA ILE B 235 -7.76 14.77 10.28
C ILE B 235 -8.19 13.72 9.31
N ILE B 236 -9.24 14.00 8.58
CA ILE B 236 -9.62 13.17 7.47
C ILE B 236 -8.57 13.23 6.37
N GLY B 237 -8.08 12.05 5.97
CA GLY B 237 -6.98 11.95 5.01
C GLY B 237 -5.64 11.88 5.64
N VAL B 238 -5.63 11.94 6.98
CA VAL B 238 -4.41 11.68 7.72
C VAL B 238 -4.27 10.19 8.05
N PRO B 239 -3.25 9.52 7.50
CA PRO B 239 -3.05 8.08 7.85
C PRO B 239 -3.17 7.87 9.33
N ASP B 240 -3.96 6.91 9.77
CA ASP B 240 -4.03 6.64 11.20
C ASP B 240 -3.20 5.42 11.70
N GLU B 241 -2.36 4.87 10.84
CA GLU B 241 -1.63 3.67 11.20
C GLU B 241 -0.42 4.10 11.99
N ILE B 242 -0.19 3.39 13.09
CA ILE B 242 0.86 3.69 14.04
C ILE B 242 2.17 3.94 13.34
N ASN B 243 2.46 3.16 12.34
CA ASN B 243 3.74 3.28 11.68
C ASN B 243 3.79 4.42 10.72
N LYS B 244 2.65 4.91 10.29
CA LYS B 244 2.63 6.04 9.34
C LYS B 244 2.70 7.32 10.09
N ILE B 245 2.08 7.36 11.26
CA ILE B 245 2.27 8.50 12.16
C ILE B 245 3.72 8.74 12.52
N LEU B 246 4.33 7.70 13.02
CA LEU B 246 5.69 7.72 13.40
C LEU B 246 6.57 8.19 12.23
N GLU B 247 6.36 7.68 11.03
CA GLU B 247 7.16 8.15 9.91
C GLU B 247 6.93 9.62 9.53
N ILE B 248 5.68 10.10 9.61
CA ILE B 248 5.38 11.49 9.37
C ILE B 248 6.22 12.39 10.33
N ILE B 249 6.27 12.02 11.58
CA ILE B 249 6.99 12.82 12.54
C ILE B 249 8.49 12.86 12.31
N LEU B 250 9.05 11.70 11.96
CA LEU B 250 10.47 11.62 11.65
C LEU B 250 10.82 12.37 10.37
N ARG B 251 9.97 12.31 9.35
CA ARG B 251 10.21 13.07 8.10
C ARG B 251 10.33 14.57 8.37
N VAL B 252 9.44 15.07 9.23
CA VAL B 252 9.46 16.49 9.59
C VAL B 252 10.71 16.87 10.40
N LYS B 253 11.13 15.98 11.30
CA LYS B 253 12.24 16.26 12.21
C LYS B 253 13.60 15.98 11.61
N GLU B 254 13.73 14.93 10.82
CA GLU B 254 15.05 14.49 10.39
C GLU B 254 15.37 14.96 8.98
N LEU B 255 14.34 15.21 8.18
CA LEU B 255 14.49 15.47 6.76
C LEU B 255 14.09 16.90 6.44
N ASP B 256 13.53 17.62 7.38
CA ASP B 256 13.36 19.00 7.11
C ASP B 256 12.28 19.20 6.07
N GLN B 257 11.27 18.36 6.14
CA GLN B 257 10.21 18.31 5.18
C GLN B 257 9.04 18.78 5.94
N SER B 258 8.13 19.49 5.29
CA SER B 258 6.95 19.96 5.99
C SER B 258 5.95 18.89 6.24
N LEU B 259 5.13 19.14 7.23
CA LEU B 259 4.15 18.23 7.74
C LEU B 259 3.11 17.90 6.68
N GLU B 260 2.70 18.92 5.95
CA GLU B 260 1.78 18.78 4.86
C GLU B 260 2.32 17.81 3.84
N GLU B 261 3.52 18.10 3.34
CA GLU B 261 4.09 17.25 2.32
C GLU B 261 4.35 15.83 2.86
N ALA B 262 4.70 15.72 4.14
CA ALA B 262 4.92 14.43 4.77
C ALA B 262 3.66 13.60 4.78
N ILE B 263 2.56 14.18 5.23
CA ILE B 263 1.31 13.48 5.33
C ILE B 263 0.91 13.00 3.94
N ILE B 264 1.12 13.86 2.95
CA ILE B 264 0.61 13.56 1.61
C ILE B 264 1.45 12.45 1.02
N SER B 265 2.73 12.44 1.31
CA SER B 265 3.63 11.43 0.79
C SER B 265 3.23 10.06 1.34
N LEU B 266 2.66 10.02 2.54
CA LEU B 266 2.30 8.77 3.19
C LEU B 266 0.81 8.35 3.05
N GLN B 267 0.00 9.14 2.37
CA GLN B 267 -1.38 8.76 2.19
C GLN B 267 -1.45 7.51 1.30
N SER B 268 -2.31 6.56 1.68
CA SER B 268 -2.86 5.54 0.75
C SER B 268 -3.94 6.09 -0.20
N LYS B 269 -4.27 5.31 -1.25
CA LYS B 269 -5.28 5.73 -2.20
C LYS B 269 -6.58 6.07 -1.46
N SER B 270 -6.91 5.21 -0.49
CA SER B 270 -8.06 5.39 0.38
C SER B 270 -8.04 6.69 1.18
N ASP B 271 -6.89 7.08 1.71
CA ASP B 271 -6.81 8.34 2.48
C ASP B 271 -7.24 9.54 1.63
N LYS B 272 -6.69 9.59 0.42
CA LYS B 272 -6.98 10.64 -0.55
C LYS B 272 -8.45 10.63 -0.96
N ILE B 273 -8.94 9.43 -1.29
CA ILE B 273 -10.30 9.26 -1.70
C ILE B 273 -11.20 9.76 -0.60
N SER B 274 -10.91 9.41 0.65
CA SER B 274 -11.86 9.79 1.70
C SER B 274 -11.86 11.30 1.86
N ARG B 275 -10.70 11.91 1.69
CA ARG B 275 -10.59 13.32 1.92
C ARG B 275 -11.24 14.10 0.81
N LEU B 276 -11.09 13.67 -0.44
CA LEU B 276 -11.74 14.30 -1.59
C LEU B 276 -13.24 14.24 -1.49
N LEU B 277 -13.74 13.06 -1.18
CA LEU B 277 -15.17 12.90 -1.04
C LEU B 277 -15.70 13.84 0.01
N HIS B 278 -15.04 13.87 1.14
CA HIS B 278 -15.47 14.62 2.30
C HIS B 278 -15.54 16.12 1.97
N ASP B 279 -14.62 16.60 1.13
CA ASP B 279 -14.51 17.97 0.85
C ASP B 279 -15.50 18.41 -0.23
N VAL B 280 -15.90 17.46 -1.06
CA VAL B 280 -16.89 17.70 -2.09
C VAL B 280 -18.28 17.81 -1.47
N GLN B 281 -18.52 17.01 -0.43
CA GLN B 281 -19.71 17.13 0.39
C GLN B 281 -19.79 18.40 1.20
N LEU B 282 -18.68 18.92 1.72
CA LEU B 282 -18.71 20.25 2.39
C LEU B 282 -18.93 21.38 1.41
N TYR B 283 -18.01 21.50 0.45
CA TYR B 283 -17.79 22.78 -0.23
C TYR B 283 -18.41 22.78 -1.58
N GLY B 284 -18.74 21.60 -2.11
CA GLY B 284 -19.39 21.45 -3.42
C GLY B 284 -18.39 20.99 -4.48
N MET B 285 -18.90 20.77 -5.68
CA MET B 285 -18.20 19.98 -6.70
C MET B 285 -16.92 20.65 -7.22
N GLU B 286 -16.96 21.97 -7.43
CA GLU B 286 -15.93 22.66 -8.22
C GLU B 286 -14.59 22.65 -7.47
N VAL B 287 -14.68 22.27 -6.21
CA VAL B 287 -13.51 22.05 -5.38
C VAL B 287 -12.64 20.92 -5.89
N LEU B 288 -13.25 19.94 -6.53
CA LEU B 288 -12.63 18.64 -6.72
C LEU B 288 -11.39 18.73 -7.61
N GLU B 289 -11.54 19.26 -8.80
CA GLU B 289 -10.39 19.55 -9.63
C GLU B 289 -9.24 20.08 -8.74
N GLU B 290 -9.45 21.25 -8.10
CA GLU B 290 -8.44 22.02 -7.33
C GLU B 290 -7.72 21.16 -6.29
N GLU B 291 -8.53 20.36 -5.62
CA GLU B 291 -8.10 19.69 -4.44
C GLU B 291 -7.49 18.30 -4.76
N ALA B 292 -7.61 17.82 -5.99
CA ALA B 292 -6.88 16.62 -6.42
C ALA B 292 -5.40 16.84 -6.75
N ARG B 293 -5.05 17.97 -7.37
CA ARG B 293 -3.66 18.21 -7.70
C ARG B 293 -2.90 18.47 -6.42
N TRP B 294 -3.58 19.05 -5.45
CA TRP B 294 -2.96 19.41 -4.22
C TRP B 294 -2.71 18.16 -3.33
N LEU B 295 -3.57 17.15 -3.41
CA LEU B 295 -3.28 15.85 -2.78
C LEU B 295 -2.46 14.91 -3.67
N ARG B 296 -2.03 15.42 -4.81
CA ARG B 296 -1.14 14.67 -5.73
C ARG B 296 -1.78 13.36 -6.20
N ALA B 297 -3.07 13.42 -6.44
CA ALA B 297 -3.91 12.25 -6.54
C ALA B 297 -3.94 11.80 -7.98
N ASP B 298 -3.88 10.49 -8.23
CA ASP B 298 -3.78 10.03 -9.60
C ASP B 298 -5.17 9.79 -10.22
N ASP B 299 -5.17 9.39 -11.49
CA ASP B 299 -6.39 9.31 -12.26
C ASP B 299 -7.37 8.32 -11.63
N LYS B 300 -6.84 7.21 -11.15
CA LYS B 300 -7.67 6.18 -10.56
C LYS B 300 -8.41 6.75 -9.37
N VAL B 301 -7.76 7.60 -8.58
CA VAL B 301 -8.39 8.17 -7.40
C VAL B 301 -9.50 9.14 -7.82
N ILE B 302 -9.21 9.97 -8.81
CA ILE B 302 -10.20 10.92 -9.26
C ILE B 302 -11.37 10.19 -9.95
N GLU B 303 -11.04 9.14 -10.73
CA GLU B 303 -12.05 8.28 -11.40
C GLU B 303 -13.04 7.83 -10.35
N ILE B 304 -12.54 7.25 -9.29
CA ILE B 304 -13.39 6.68 -8.27
C ILE B 304 -14.23 7.76 -7.59
N VAL B 305 -13.65 8.92 -7.30
CA VAL B 305 -14.38 9.98 -6.59
C VAL B 305 -15.49 10.54 -7.49
N ARG B 306 -15.20 10.75 -8.76
CA ARG B 306 -16.26 11.06 -9.74
C ARG B 306 -17.35 10.01 -9.75
N SER B 307 -16.97 8.74 -9.61
CA SER B 307 -17.93 7.67 -9.82
C SER B 307 -18.85 7.58 -8.63
N ARG B 308 -18.51 8.25 -7.55
CA ARG B 308 -19.34 8.30 -6.34
C ARG B 308 -20.32 9.45 -6.31
N LEU B 309 -20.13 10.40 -7.22
CA LEU B 309 -20.98 11.58 -7.25
C LEU B 309 -22.00 11.64 -8.36
N GLY B 310 -21.84 10.82 -9.40
CA GLY B 310 -22.94 10.51 -10.31
C GLY B 310 -22.45 9.75 -11.53
#